data_6RBV
#
_entry.id   6RBV
#
_cell.length_a   62.442
_cell.length_b   76.726
_cell.length_c   118.758
_cell.angle_alpha   90.000
_cell.angle_beta   90.000
_cell.angle_gamma   90.000
#
_symmetry.space_group_name_H-M   'I 2 2 2'
#
loop_
_entity.id
_entity.type
_entity.pdbx_description
1 polymer 'NAD kinase 1'
2 non-polymer 'CITRIC ACID'
3 non-polymer 9-(3-azidopropyl)-8-bromanyl-purin-6-amine
4 water water
#
_entity_poly.entity_id   1
_entity_poly.type   'polypeptide(L)'
_entity_poly.pdbx_seq_one_letter_code
;MKYMITSKGDEKSDLLRLNMIAGFGEYDMEYDDVEPEIVISIGGDGTFLSAFHQYEERLDEIAFIGIHTGHLGFYADWRP
AEADKLVKLLAKGEYQKVSYPLLKTTVKYGIGKKEATYLALNESTVKSSGGPFVVDVVINDIHFERFRGDGLCMSTPSGT
TAYNKSLGGALMHPSIEAMQLTEMASINNRVYRTIGSPLVFPKHHVVSLQPVNDKDFQISVDHLSILHRDVQEIRYEVSA
KKIHFARFRSFPFWRRVHDSFIEDLEHHHHHH
;
_entity_poly.pdbx_strand_id   A
#
loop_
_chem_comp.id
_chem_comp.type
_chem_comp.name
_chem_comp.formula
CIT non-polymer 'CITRIC ACID' 'C6 H8 O7'
JYE non-polymer 9-(3-azidopropyl)-8-bromanyl-purin-6-amine 'C8 H9 Br N8'
#
# COMPACT_ATOMS: atom_id res chain seq x y z
N MET A 1 10.13 -23.72 8.60
CA MET A 1 9.93 -22.60 9.52
C MET A 1 8.44 -22.36 9.75
N LYS A 2 8.13 -21.37 10.58
CA LYS A 2 6.74 -21.05 10.87
C LYS A 2 6.10 -20.32 9.69
N TYR A 3 4.85 -20.67 9.41
CA TYR A 3 4.13 -20.08 8.29
C TYR A 3 2.65 -20.01 8.63
N MET A 4 1.91 -19.26 7.81
CA MET A 4 0.45 -19.21 7.91
C MET A 4 -0.11 -18.82 6.56
N ILE A 5 -1.40 -19.06 6.38
CA ILE A 5 -2.09 -18.82 5.12
C ILE A 5 -3.42 -18.13 5.40
N THR A 6 -3.66 -17.00 4.75
CA THR A 6 -4.95 -16.34 4.78
C THR A 6 -5.69 -16.63 3.49
N SER A 7 -7.02 -16.70 3.59
CA SER A 7 -7.87 -17.03 2.47
C SER A 7 -8.90 -15.93 2.25
N LYS A 8 -9.30 -15.74 0.99
CA LYS A 8 -10.34 -14.78 0.65
C LYS A 8 -11.66 -15.15 1.32
N GLY A 9 -11.90 -16.43 1.55
CA GLY A 9 -13.11 -16.90 2.19
C GLY A 9 -14.06 -17.64 1.27
N ASP A 10 -13.86 -17.58 -0.04
CA ASP A 10 -14.71 -18.29 -0.97
C ASP A 10 -14.31 -19.76 -1.04
N GLU A 11 -15.08 -20.53 -1.81
CA GLU A 11 -14.86 -21.98 -1.85
C GLU A 11 -13.56 -22.32 -2.56
N LYS A 12 -13.18 -21.56 -3.58
CA LYS A 12 -11.96 -21.86 -4.32
C LYS A 12 -10.72 -21.63 -3.46
N SER A 13 -10.71 -20.54 -2.69
CA SER A 13 -9.50 -20.18 -1.94
C SER A 13 -9.35 -21.03 -0.68
N ASP A 14 -10.45 -21.38 -0.02
CA ASP A 14 -10.37 -22.21 1.18
C ASP A 14 -9.81 -23.60 0.86
N LEU A 15 -10.27 -24.21 -0.23
CA LEU A 15 -9.80 -25.54 -0.58
C LEU A 15 -8.36 -25.53 -1.06
N LEU A 16 -7.94 -24.46 -1.74
CA LEU A 16 -6.53 -24.35 -2.12
C LEU A 16 -5.65 -24.20 -0.88
N ARG A 17 -6.14 -23.46 0.11
CA ARG A 17 -5.40 -23.28 1.36
C ARG A 17 -5.23 -24.62 2.08
N LEU A 18 -6.31 -25.40 2.19
CA LEU A 18 -6.21 -26.71 2.84
C LEU A 18 -5.25 -27.62 2.10
N ASN A 19 -5.21 -27.52 0.76
CA ASN A 19 -4.28 -28.34 -0.01
C ASN A 19 -2.84 -27.96 0.27
N MET A 20 -2.55 -26.66 0.36
CA MET A 20 -1.18 -26.24 0.64
C MET A 20 -0.76 -26.61 2.07
N ILE A 21 -1.70 -26.51 3.02
CA ILE A 21 -1.39 -26.91 4.39
C ILE A 21 -1.05 -28.40 4.44
N ALA A 22 -1.84 -29.22 3.74
CA ALA A 22 -1.56 -30.65 3.68
C ALA A 22 -0.20 -30.90 3.02
N GLY A 23 0.11 -30.17 1.95
CA GLY A 23 1.41 -30.32 1.33
C GLY A 23 2.55 -29.91 2.24
N PHE A 24 2.36 -28.84 3.02
CA PHE A 24 3.38 -28.41 3.96
C PHE A 24 3.62 -29.44 5.06
N GLY A 25 2.63 -30.28 5.35
CA GLY A 25 2.82 -31.31 6.35
C GLY A 25 3.85 -32.34 5.95
N GLU A 26 4.08 -32.51 4.65
CA GLU A 26 5.10 -33.43 4.16
C GLU A 26 6.51 -32.88 4.34
N TYR A 27 6.65 -31.68 4.88
CA TYR A 27 7.95 -31.04 5.09
C TYR A 27 8.02 -30.53 6.52
N ASP A 28 9.22 -30.09 6.91
CA ASP A 28 9.43 -29.49 8.23
C ASP A 28 8.91 -28.06 8.16
N MET A 29 7.60 -27.92 8.29
CA MET A 29 6.93 -26.63 8.24
C MET A 29 5.88 -26.60 9.34
N GLU A 30 5.97 -25.60 10.21
CA GLU A 30 5.05 -25.45 11.34
C GLU A 30 4.06 -24.32 11.06
N TYR A 31 2.77 -24.62 11.23
CA TYR A 31 1.76 -23.59 11.07
C TYR A 31 1.71 -22.72 12.31
N ASP A 32 1.84 -21.40 12.12
CA ASP A 32 1.79 -20.45 13.22
C ASP A 32 1.34 -19.12 12.65
N ASP A 33 0.19 -18.63 13.10
CA ASP A 33 -0.32 -17.34 12.68
C ASP A 33 -0.01 -16.24 13.70
N VAL A 34 0.89 -16.50 14.65
CA VAL A 34 1.30 -15.51 15.64
C VAL A 34 2.70 -14.97 15.33
N GLU A 35 3.66 -15.86 15.09
CA GLU A 35 5.01 -15.48 14.68
C GLU A 35 5.42 -16.24 13.43
N PRO A 36 4.73 -16.04 12.31
CA PRO A 36 5.15 -16.70 11.07
C PRO A 36 6.31 -15.98 10.42
N GLU A 37 7.16 -16.76 9.74
CA GLU A 37 8.20 -16.20 8.90
C GLU A 37 7.79 -16.15 7.43
N ILE A 38 6.74 -16.86 7.06
CA ILE A 38 6.22 -16.89 5.70
C ILE A 38 4.71 -16.70 5.78
N VAL A 39 4.19 -15.69 5.10
CA VAL A 39 2.76 -15.40 5.06
C VAL A 39 2.29 -15.53 3.63
N ILE A 40 1.38 -16.46 3.38
CA ILE A 40 0.86 -16.74 2.05
C ILE A 40 -0.58 -16.22 1.99
N SER A 41 -0.87 -15.43 0.96
CA SER A 41 -2.19 -14.87 0.74
C SER A 41 -2.82 -15.54 -0.48
N ILE A 42 -4.07 -15.95 -0.35
CA ILE A 42 -4.80 -16.63 -1.42
C ILE A 42 -6.10 -15.88 -1.67
N GLY A 43 -6.24 -15.32 -2.87
CA GLY A 43 -7.43 -14.56 -3.22
C GLY A 43 -7.13 -13.47 -4.24
N GLY A 44 -7.08 -12.23 -3.77
CA GLY A 44 -6.74 -11.11 -4.64
C GLY A 44 -5.78 -10.16 -3.96
N ASP A 45 -5.56 -8.99 -4.55
CA ASP A 45 -4.71 -7.99 -3.91
C ASP A 45 -5.32 -7.50 -2.60
N GLY A 46 -6.64 -7.44 -2.51
CA GLY A 46 -7.28 -7.07 -1.25
C GLY A 46 -7.00 -8.06 -0.15
N THR A 47 -6.97 -9.35 -0.48
CA THR A 47 -6.60 -10.37 0.49
C THR A 47 -5.15 -10.20 0.92
N PHE A 48 -4.27 -9.84 -0.02
CA PHE A 48 -2.87 -9.60 0.32
C PHE A 48 -2.73 -8.38 1.22
N LEU A 49 -3.48 -7.30 0.93
CA LEU A 49 -3.39 -6.09 1.74
C LEU A 49 -3.78 -6.36 3.19
N SER A 50 -4.83 -7.15 3.41
CA SER A 50 -5.22 -7.51 4.77
C SER A 50 -4.12 -8.31 5.45
N ALA A 51 -3.50 -9.24 4.73
CA ALA A 51 -2.39 -10.00 5.30
C ALA A 51 -1.22 -9.10 5.66
N PHE A 52 -0.96 -8.09 4.83
CA PHE A 52 0.11 -7.14 5.13
C PHE A 52 -0.17 -6.38 6.42
N HIS A 53 -1.40 -5.85 6.57
CA HIS A 53 -1.73 -5.06 7.74
C HIS A 53 -1.91 -5.91 8.99
N GLN A 54 -2.20 -7.20 8.84
CA GLN A 54 -2.30 -8.07 10.01
C GLN A 54 -0.95 -8.27 10.68
N TYR A 55 0.14 -8.20 9.91
CA TYR A 55 1.47 -8.48 10.42
C TYR A 55 2.43 -7.32 10.15
N GLU A 56 1.93 -6.08 10.19
CA GLU A 56 2.77 -4.93 9.90
C GLU A 56 3.73 -4.58 11.02
N GLU A 57 3.72 -5.33 12.12
CA GLU A 57 4.66 -5.13 13.22
C GLU A 57 5.80 -6.14 13.21
N ARG A 58 5.83 -7.05 12.25
CA ARG A 58 6.93 -8.00 12.06
C ARG A 58 7.31 -8.08 10.59
N LEU A 59 7.29 -6.93 9.91
CA LEU A 59 7.58 -6.92 8.48
C LEU A 59 9.02 -7.32 8.20
N ASP A 60 9.92 -7.13 9.16
CA ASP A 60 11.33 -7.45 8.97
C ASP A 60 11.65 -8.92 9.19
N GLU A 61 10.66 -9.75 9.55
CA GLU A 61 10.87 -11.17 9.76
C GLU A 61 9.88 -12.01 8.95
N ILE A 62 9.26 -11.44 7.93
CA ILE A 62 8.22 -12.11 7.15
C ILE A 62 8.50 -11.89 5.67
N ALA A 63 8.40 -12.96 4.88
CA ALA A 63 8.44 -12.90 3.44
C ALA A 63 7.06 -13.28 2.91
N PHE A 64 6.41 -12.34 2.23
CA PHE A 64 5.05 -12.53 1.77
C PHE A 64 5.02 -13.23 0.40
N ILE A 65 3.94 -13.97 0.16
CA ILE A 65 3.66 -14.58 -1.14
C ILE A 65 2.17 -14.43 -1.41
N GLY A 66 1.83 -14.01 -2.62
CA GLY A 66 0.44 -13.81 -3.02
C GLY A 66 0.05 -14.78 -4.13
N ILE A 67 -1.11 -15.39 -3.97
CA ILE A 67 -1.68 -16.29 -4.96
C ILE A 67 -3.05 -15.76 -5.34
N HIS A 68 -3.28 -15.57 -6.64
CA HIS A 68 -4.54 -15.02 -7.13
C HIS A 68 -5.43 -16.16 -7.61
N THR A 69 -6.60 -16.30 -6.99
CA THR A 69 -7.60 -17.25 -7.45
C THR A 69 -8.49 -16.69 -8.54
N GLY A 70 -8.52 -15.36 -8.70
CA GLY A 70 -9.23 -14.73 -9.79
C GLY A 70 -8.27 -14.17 -10.81
N HIS A 71 -8.49 -12.91 -11.21
CA HIS A 71 -7.60 -12.28 -12.17
C HIS A 71 -6.22 -12.02 -11.56
N LEU A 72 -5.26 -11.74 -12.43
CA LEU A 72 -3.90 -11.45 -11.97
C LEU A 72 -3.87 -10.22 -11.09
N GLY A 73 -3.11 -10.29 -10.01
CA GLY A 73 -2.92 -9.16 -9.12
C GLY A 73 -1.48 -8.72 -9.08
N PHE A 74 -1.23 -7.47 -8.67
CA PHE A 74 0.14 -6.98 -8.61
C PHE A 74 0.90 -7.55 -7.42
N TYR A 75 0.21 -7.94 -6.36
CA TYR A 75 0.82 -8.63 -5.23
C TYR A 75 0.54 -10.12 -5.24
N ALA A 76 -0.69 -10.52 -5.55
CA ALA A 76 -1.04 -11.93 -5.73
C ALA A 76 -0.84 -12.24 -7.21
N ASP A 77 0.39 -12.61 -7.56
CA ASP A 77 0.77 -12.75 -8.97
C ASP A 77 1.19 -14.18 -9.31
N TRP A 78 0.69 -15.18 -8.59
CA TRP A 78 0.98 -16.57 -8.89
C TRP A 78 -0.32 -17.35 -9.03
N ARG A 79 -0.44 -18.09 -10.12
CA ARG A 79 -1.67 -18.82 -10.41
C ARG A 79 -1.85 -19.98 -9.43
N PRO A 80 -3.08 -20.43 -9.22
CA PRO A 80 -3.30 -21.57 -8.31
C PRO A 80 -2.63 -22.85 -8.76
N ALA A 81 -2.44 -23.02 -10.08
CA ALA A 81 -1.81 -24.24 -10.59
C ALA A 81 -0.34 -24.36 -10.19
N GLU A 82 0.28 -23.27 -9.74
CA GLU A 82 1.66 -23.30 -9.27
C GLU A 82 1.76 -23.47 -7.76
N ALA A 83 0.67 -23.86 -7.10
CA ALA A 83 0.67 -23.96 -5.64
C ALA A 83 1.59 -25.08 -5.16
N ASP A 84 1.50 -26.25 -5.78
CA ASP A 84 2.32 -27.38 -5.35
C ASP A 84 3.80 -27.07 -5.53
N LYS A 85 4.17 -26.50 -6.67
CA LYS A 85 5.56 -26.11 -6.88
C LYS A 85 5.98 -25.02 -5.89
N LEU A 86 5.04 -24.18 -5.47
CA LEU A 86 5.35 -23.15 -4.48
C LEU A 86 5.68 -23.78 -3.14
N VAL A 87 4.99 -24.85 -2.77
CA VAL A 87 5.22 -25.50 -1.48
C VAL A 87 6.62 -26.08 -1.40
N LYS A 88 7.09 -26.69 -2.49
CA LYS A 88 8.40 -27.34 -2.48
C LYS A 88 9.51 -26.34 -2.19
N LEU A 89 9.61 -25.29 -3.02
CA LEU A 89 10.69 -24.32 -2.85
C LEU A 89 10.52 -23.49 -1.58
N LEU A 90 9.28 -23.30 -1.13
CA LEU A 90 9.05 -22.57 0.11
C LEU A 90 9.55 -23.35 1.33
N ALA A 91 9.34 -24.67 1.32
CA ALA A 91 9.83 -25.51 2.42
C ALA A 91 11.30 -25.84 2.27
N LYS A 92 11.82 -25.82 1.05
CA LYS A 92 13.25 -26.06 0.83
C LYS A 92 14.10 -24.93 1.40
N GLY A 93 13.48 -23.84 1.86
CA GLY A 93 14.21 -22.68 2.27
C GLY A 93 14.97 -22.13 1.06
N GLU A 94 16.05 -21.40 1.36
CA GLU A 94 16.98 -20.94 0.33
C GLU A 94 16.28 -20.29 -0.85
N TYR A 95 15.76 -19.08 -0.65
CA TYR A 95 15.15 -18.33 -1.74
C TYR A 95 15.51 -16.86 -1.60
N GLN A 96 15.52 -16.16 -2.72
CA GLN A 96 15.85 -14.74 -2.71
C GLN A 96 14.60 -13.92 -2.36
N LYS A 97 14.84 -12.71 -1.89
CA LYS A 97 13.77 -11.84 -1.42
C LYS A 97 13.84 -10.49 -2.11
N VAL A 98 12.67 -9.90 -2.34
CA VAL A 98 12.52 -8.60 -2.98
C VAL A 98 11.77 -7.69 -2.02
N SER A 99 12.24 -6.45 -1.88
CA SER A 99 11.68 -5.49 -0.93
C SER A 99 11.11 -4.29 -1.67
N TYR A 100 9.92 -3.85 -1.24
CA TYR A 100 9.23 -2.68 -1.78
C TYR A 100 9.12 -1.60 -0.70
N PRO A 101 9.20 -0.33 -1.09
CA PRO A 101 9.07 0.76 -0.11
C PRO A 101 7.63 0.94 0.34
N LEU A 102 7.48 1.56 1.51
CA LEU A 102 6.18 1.80 2.10
C LEU A 102 6.04 3.29 2.41
N LEU A 103 4.80 3.71 2.62
CA LEU A 103 4.48 5.09 2.94
C LEU A 103 4.14 5.23 4.41
N LYS A 104 4.76 6.20 5.08
CA LYS A 104 4.47 6.51 6.47
C LYS A 104 3.55 7.72 6.54
N THR A 105 2.46 7.59 7.30
CA THR A 105 1.50 8.67 7.48
C THR A 105 1.43 9.01 8.97
N THR A 106 1.52 10.30 9.29
CA THR A 106 1.46 10.78 10.66
C THR A 106 0.35 11.81 10.78
N VAL A 107 -0.54 11.60 11.74
CA VAL A 107 -1.67 12.48 11.98
C VAL A 107 -1.52 13.08 13.37
N LYS A 108 -1.49 14.41 13.45
CA LYS A 108 -1.37 15.12 14.71
C LYS A 108 -2.68 15.83 15.03
N TYR A 109 -3.04 15.85 16.30
CA TYR A 109 -4.26 16.45 16.80
C TYR A 109 -3.93 17.53 17.82
N GLY A 110 -4.97 18.12 18.39
CA GLY A 110 -4.81 19.05 19.50
C GLY A 110 -4.67 18.29 20.81
N ILE A 111 -5.01 18.99 21.89
CA ILE A 111 -4.96 18.39 23.22
C ILE A 111 -6.04 17.32 23.31
N GLY A 112 -5.66 16.14 23.82
CA GLY A 112 -6.58 15.05 24.06
C GLY A 112 -6.27 13.79 23.27
N LYS A 113 -5.61 13.90 22.12
CA LYS A 113 -5.31 12.76 21.27
C LYS A 113 -3.81 12.65 21.04
N LYS A 114 -3.30 11.43 21.11
CA LYS A 114 -1.90 11.18 20.82
C LYS A 114 -1.68 11.08 19.31
N GLU A 115 -0.50 11.54 18.88
CA GLU A 115 -0.08 11.42 17.49
C GLU A 115 -0.21 9.97 17.01
N ALA A 116 -0.88 9.79 15.88
CA ALA A 116 -1.13 8.47 15.31
C ALA A 116 -0.35 8.31 14.02
N THR A 117 0.32 7.17 13.88
CA THR A 117 1.11 6.84 12.70
C THR A 117 0.56 5.60 12.02
N TYR A 118 0.55 5.62 10.70
CA TYR A 118 0.03 4.51 9.91
C TYR A 118 1.04 4.16 8.82
N LEU A 119 0.95 2.91 8.36
CA LEU A 119 1.85 2.37 7.35
C LEU A 119 1.01 1.85 6.20
N ALA A 120 1.26 2.37 4.99
CA ALA A 120 0.45 2.05 3.83
C ALA A 120 1.30 1.31 2.79
N LEU A 121 0.69 0.30 2.16
CA LEU A 121 1.33 -0.41 1.06
C LEU A 121 0.94 0.16 -0.30
N ASN A 122 -0.29 0.63 -0.44
CA ASN A 122 -0.72 1.26 -1.69
C ASN A 122 -0.67 2.78 -1.58
N GLU A 123 -1.61 3.38 -0.84
CA GLU A 123 -1.69 4.83 -0.82
C GLU A 123 -2.50 5.28 0.39
N SER A 124 -2.38 6.58 0.68
CA SER A 124 -3.17 7.26 1.69
C SER A 124 -3.84 8.47 1.05
N THR A 125 -5.13 8.64 1.30
CA THR A 125 -5.90 9.73 0.73
C THR A 125 -6.53 10.57 1.83
N VAL A 126 -6.80 11.83 1.52
CA VAL A 126 -7.43 12.77 2.44
C VAL A 126 -8.58 13.45 1.71
N LYS A 127 -9.77 13.45 2.33
CA LYS A 127 -10.93 14.16 1.84
C LYS A 127 -11.54 14.94 3.00
N SER A 128 -12.55 15.76 2.70
CA SER A 128 -13.22 16.52 3.74
C SER A 128 -14.30 15.68 4.42
N SER A 129 -14.69 16.13 5.61
CA SER A 129 -15.74 15.44 6.36
C SER A 129 -17.12 15.67 5.77
N GLY A 130 -17.29 16.71 4.96
CA GLY A 130 -18.57 17.00 4.36
C GLY A 130 -18.56 18.28 3.56
N GLY A 131 -18.00 19.34 4.12
CA GLY A 131 -17.90 20.61 3.44
C GLY A 131 -16.77 20.62 2.42
N PRO A 132 -16.31 21.81 2.05
CA PRO A 132 -15.23 21.90 1.06
C PRO A 132 -13.89 21.52 1.68
N PHE A 133 -13.05 20.89 0.85
CA PHE A 133 -11.73 20.45 1.26
C PHE A 133 -10.71 21.51 0.85
N VAL A 134 -10.09 22.14 1.83
CA VAL A 134 -9.06 23.16 1.60
C VAL A 134 -7.92 22.89 2.58
N VAL A 135 -6.72 22.71 2.06
CA VAL A 135 -5.53 22.52 2.89
C VAL A 135 -4.35 23.26 2.26
N ASP A 136 -3.40 23.63 3.12
CA ASP A 136 -2.13 24.18 2.67
C ASP A 136 -1.11 23.04 2.57
N VAL A 137 -0.43 22.95 1.44
CA VAL A 137 0.56 21.91 1.20
C VAL A 137 1.94 22.48 1.48
N VAL A 138 2.64 21.91 2.45
CA VAL A 138 3.96 22.37 2.86
C VAL A 138 4.96 21.27 2.55
N ILE A 139 6.00 21.60 1.80
CA ILE A 139 7.03 20.65 1.37
C ILE A 139 8.33 21.05 2.04
N ASN A 140 8.80 20.22 2.98
CA ASN A 140 10.05 20.46 3.70
C ASN A 140 10.06 21.85 4.35
N ASP A 141 9.00 22.13 5.10
CA ASP A 141 8.79 23.37 5.83
C ASP A 141 8.62 24.59 4.93
N ILE A 142 8.36 24.38 3.64
CA ILE A 142 8.18 25.46 2.68
CA ILE A 142 8.18 25.46 2.68
C ILE A 142 6.76 25.38 2.13
N HIS A 143 6.01 26.48 2.26
CA HIS A 143 4.64 26.52 1.74
CA HIS A 143 4.64 26.52 1.74
C HIS A 143 4.67 26.43 0.22
N PHE A 144 4.01 25.41 -0.31
CA PHE A 144 4.01 25.15 -1.75
C PHE A 144 2.74 25.61 -2.45
N GLU A 145 1.57 25.35 -1.87
CA GLU A 145 0.31 25.67 -2.52
C GLU A 145 -0.82 25.55 -1.50
N ARG A 146 -1.92 26.23 -1.80
CA ARG A 146 -3.17 26.05 -1.08
C ARG A 146 -4.10 25.24 -1.96
N PHE A 147 -4.34 23.98 -1.58
CA PHE A 147 -5.13 23.07 -2.39
C PHE A 147 -6.60 23.17 -2.05
N ARG A 148 -7.42 23.36 -3.07
CA ARG A 148 -8.87 23.31 -2.94
C ARG A 148 -9.40 22.31 -3.96
N GLY A 149 -10.25 21.40 -3.52
CA GLY A 149 -10.78 20.38 -4.41
C GLY A 149 -11.40 19.23 -3.62
N ASP A 150 -11.42 18.06 -4.25
CA ASP A 150 -12.01 16.89 -3.60
C ASP A 150 -11.05 16.25 -2.61
N GLY A 151 -9.76 16.19 -2.93
CA GLY A 151 -8.81 15.63 -2.00
C GLY A 151 -7.46 15.40 -2.65
N LEU A 152 -6.60 14.71 -1.90
CA LEU A 152 -5.25 14.41 -2.34
C LEU A 152 -4.93 12.94 -2.08
N CYS A 153 -3.98 12.41 -2.84
CA CYS A 153 -3.61 11.01 -2.76
C CYS A 153 -2.09 10.90 -2.80
N MET A 154 -1.51 10.26 -1.77
CA MET A 154 -0.08 9.99 -1.72
C MET A 154 0.12 8.49 -1.86
N SER A 155 0.90 8.08 -2.86
CA SER A 155 1.00 6.69 -3.25
C SER A 155 2.42 6.16 -3.10
N THR A 156 2.53 4.88 -2.76
CA THR A 156 3.79 4.16 -2.80
C THR A 156 4.14 3.86 -4.26
N PRO A 157 5.38 3.44 -4.55
CA PRO A 157 5.69 3.01 -5.92
C PRO A 157 4.82 1.87 -6.42
N SER A 158 4.70 0.79 -5.65
CA SER A 158 3.85 -0.32 -6.06
C SER A 158 2.37 0.06 -6.02
N GLY A 159 2.01 1.08 -5.25
CA GLY A 159 0.63 1.56 -5.24
C GLY A 159 0.25 2.43 -6.41
N THR A 160 1.21 2.79 -7.26
CA THR A 160 0.92 3.68 -8.39
C THR A 160 -0.02 3.05 -9.41
N THR A 161 -0.08 1.72 -9.48
CA THR A 161 -0.98 1.06 -10.40
C THR A 161 -2.42 0.97 -9.87
N ALA A 162 -2.66 1.45 -8.66
CA ALA A 162 -4.01 1.42 -8.10
C ALA A 162 -4.69 2.77 -8.22
N TYR A 163 -5.12 3.34 -7.09
CA TYR A 163 -5.86 4.59 -7.11
C TYR A 163 -5.07 5.72 -7.76
N ASN A 164 -3.75 5.73 -7.55
CA ASN A 164 -2.90 6.74 -8.18
C ASN A 164 -3.09 6.76 -9.69
N LYS A 165 -3.19 5.59 -10.32
CA LYS A 165 -3.33 5.53 -11.77
C LYS A 165 -4.63 6.18 -12.23
N SER A 166 -5.71 5.97 -11.49
CA SER A 166 -7.00 6.54 -11.88
C SER A 166 -7.02 8.07 -11.79
N LEU A 167 -6.09 8.66 -11.05
CA LEU A 167 -6.04 10.12 -10.89
C LEU A 167 -5.02 10.78 -11.81
N GLY A 168 -4.52 10.05 -12.80
CA GLY A 168 -3.54 10.60 -13.71
C GLY A 168 -2.10 10.44 -13.28
N GLY A 169 -1.84 9.79 -12.16
CA GLY A 169 -0.49 9.62 -11.68
C GLY A 169 0.36 8.75 -12.60
N ALA A 170 1.66 8.80 -12.37
CA ALA A 170 2.60 8.01 -13.15
C ALA A 170 2.86 6.67 -12.48
N LEU A 171 3.13 5.67 -13.31
CA LEU A 171 3.52 4.35 -12.82
C LEU A 171 5.04 4.30 -12.71
N MET A 172 5.54 4.09 -11.50
CA MET A 172 6.98 4.02 -11.26
C MET A 172 7.37 2.65 -10.76
N HIS A 173 8.58 2.24 -11.15
CA HIS A 173 9.08 0.93 -10.76
C HIS A 173 9.27 0.87 -9.25
N PRO A 174 8.86 -0.23 -8.60
CA PRO A 174 8.91 -0.30 -7.13
C PRO A 174 10.33 -0.29 -6.56
N SER A 175 11.37 -0.38 -7.38
CA SER A 175 12.74 -0.27 -6.87
C SER A 175 13.13 1.17 -6.57
N ILE A 176 12.36 2.15 -7.05
CA ILE A 176 12.63 3.55 -6.75
C ILE A 176 12.00 3.89 -5.41
N GLU A 177 12.83 4.30 -4.46
CA GLU A 177 12.34 4.68 -3.13
C GLU A 177 11.77 6.08 -3.21
N ALA A 178 10.45 6.17 -3.36
CA ALA A 178 9.80 7.46 -3.55
C ALA A 178 8.33 7.35 -3.17
N MET A 179 7.64 8.49 -3.22
CA MET A 179 6.20 8.57 -3.03
C MET A 179 5.66 9.60 -4.00
N GLN A 180 4.40 9.43 -4.40
CA GLN A 180 3.81 10.26 -5.44
C GLN A 180 2.50 10.86 -4.95
N LEU A 181 2.38 12.18 -5.09
CA LEU A 181 1.20 12.93 -4.68
C LEU A 181 0.38 13.30 -5.91
N THR A 182 -0.91 13.02 -5.89
CA THR A 182 -1.81 13.36 -6.98
C THR A 182 -3.02 14.11 -6.45
N GLU A 183 -3.63 14.89 -7.32
CA GLU A 183 -4.77 15.73 -6.98
C GLU A 183 -6.09 15.04 -7.37
N MET A 184 -7.16 15.44 -6.69
CA MET A 184 -8.51 14.94 -6.95
CA MET A 184 -8.51 14.94 -6.95
C MET A 184 -9.40 16.12 -7.27
N ALA A 185 -9.67 16.33 -8.56
CA ALA A 185 -10.60 17.36 -9.05
C ALA A 185 -10.33 18.71 -8.37
N SER A 186 -9.14 19.25 -8.62
CA SER A 186 -8.77 20.53 -8.06
CA SER A 186 -8.76 20.53 -8.06
C SER A 186 -9.44 21.67 -8.82
N ILE A 187 -9.90 22.67 -8.08
CA ILE A 187 -10.50 23.87 -8.67
C ILE A 187 -9.38 24.86 -8.95
N ASN A 188 -9.32 25.34 -10.19
CA ASN A 188 -8.30 26.28 -10.61
C ASN A 188 -8.96 27.45 -11.34
N ASN A 189 -8.56 28.65 -10.97
CA ASN A 189 -9.05 29.86 -11.62
C ASN A 189 -8.01 30.96 -11.40
N ARG A 190 -8.42 32.21 -11.58
CA ARG A 190 -7.49 33.32 -11.41
C ARG A 190 -7.13 33.56 -9.95
N VAL A 191 -7.92 33.04 -9.00
CA VAL A 191 -7.69 33.34 -7.60
C VAL A 191 -7.12 32.12 -6.88
N TYR A 192 -7.50 30.92 -7.33
CA TYR A 192 -7.06 29.68 -6.71
C TYR A 192 -6.17 28.92 -7.69
N ARG A 193 -5.02 28.46 -7.19
CA ARG A 193 -3.96 27.93 -8.03
C ARG A 193 -3.35 26.69 -7.40
N THR A 194 -3.27 25.61 -8.16
CA THR A 194 -2.54 24.41 -7.77
C THR A 194 -1.59 24.02 -8.88
N ILE A 195 -0.64 23.12 -8.56
CA ILE A 195 0.35 22.73 -9.55
C ILE A 195 -0.26 21.85 -10.62
N GLY A 196 -1.31 21.09 -10.30
CA GLY A 196 -1.92 20.18 -11.26
C GLY A 196 -1.16 18.90 -11.53
N SER A 197 0.11 19.01 -11.88
CA SER A 197 0.91 17.84 -12.18
C SER A 197 1.09 16.97 -10.93
N PRO A 198 1.23 15.66 -11.09
CA PRO A 198 1.64 14.82 -9.97
C PRO A 198 3.07 15.15 -9.56
N LEU A 199 3.35 14.95 -8.28
CA LEU A 199 4.67 15.21 -7.73
C LEU A 199 5.26 13.92 -7.17
N VAL A 200 6.54 13.68 -7.47
CA VAL A 200 7.26 12.51 -6.99
C VAL A 200 8.34 13.00 -6.03
N PHE A 201 8.32 12.48 -4.80
CA PHE A 201 9.25 12.90 -3.76
C PHE A 201 10.20 11.77 -3.39
N PRO A 202 11.47 12.06 -3.17
CA PRO A 202 12.43 11.03 -2.76
C PRO A 202 12.37 10.79 -1.26
N LYS A 203 13.27 9.94 -0.79
CA LYS A 203 13.39 9.70 0.65
C LYS A 203 13.73 11.01 1.38
N HIS A 204 13.35 11.06 2.66
CA HIS A 204 13.66 12.13 3.59
C HIS A 204 12.96 13.44 3.26
N HIS A 205 12.15 13.48 2.21
CA HIS A 205 11.31 14.65 1.93
C HIS A 205 9.99 14.49 2.69
N VAL A 206 9.56 15.56 3.36
CA VAL A 206 8.37 15.55 4.19
C VAL A 206 7.32 16.45 3.55
N VAL A 207 6.16 15.88 3.23
CA VAL A 207 5.04 16.63 2.68
C VAL A 207 3.98 16.72 3.77
N SER A 208 3.56 17.94 4.08
CA SER A 208 2.67 18.22 5.20
C SER A 208 1.39 18.88 4.70
N LEU A 209 0.25 18.41 5.20
CA LEU A 209 -1.05 19.01 4.92
C LEU A 209 -1.55 19.70 6.18
N GLN A 210 -1.92 20.97 6.06
CA GLN A 210 -2.33 21.77 7.21
C GLN A 210 -3.68 22.40 6.92
N PRO A 211 -4.65 22.31 7.85
CA PRO A 211 -6.00 22.81 7.57
C PRO A 211 -6.03 24.33 7.48
N VAL A 212 -7.06 24.82 6.80
CA VAL A 212 -7.31 26.24 6.67
C VAL A 212 -8.51 26.67 7.50
N ASN A 213 -9.65 25.99 7.33
CA ASN A 213 -10.85 26.27 8.14
C ASN A 213 -11.31 25.00 8.84
N ASP A 214 -11.86 24.03 8.12
CA ASP A 214 -12.31 22.79 8.74
C ASP A 214 -11.12 21.94 9.16
N LYS A 215 -11.20 21.37 10.36
CA LYS A 215 -10.14 20.53 10.90
C LYS A 215 -10.52 19.06 10.95
N ASP A 216 -11.61 18.68 10.31
CA ASP A 216 -12.05 17.29 10.23
C ASP A 216 -11.81 16.76 8.82
N PHE A 217 -11.16 15.62 8.72
CA PHE A 217 -10.83 15.04 7.42
C PHE A 217 -11.10 13.54 7.43
N GLN A 218 -11.55 13.02 6.30
CA GLN A 218 -11.72 11.59 6.10
C GLN A 218 -10.41 11.06 5.52
N ILE A 219 -9.63 10.38 6.35
CA ILE A 219 -8.30 9.89 5.98
C ILE A 219 -8.38 8.39 5.73
N SER A 220 -7.83 7.95 4.61
CA SER A 220 -7.79 6.54 4.27
C SER A 220 -6.35 6.04 4.22
N VAL A 221 -6.17 4.79 4.63
CA VAL A 221 -4.89 4.10 4.48
C VAL A 221 -5.17 2.72 3.92
N ASP A 222 -4.92 2.54 2.62
CA ASP A 222 -5.26 1.32 1.88
C ASP A 222 -6.78 1.14 1.98
N HIS A 223 -7.27 0.04 2.54
CA HIS A 223 -8.71 -0.22 2.61
C HIS A 223 -9.37 0.41 3.83
N LEU A 224 -8.58 0.82 4.83
CA LEU A 224 -9.13 1.42 6.03
C LEU A 224 -9.39 2.91 5.82
N SER A 225 -10.50 3.39 6.38
CA SER A 225 -10.90 4.79 6.22
C SER A 225 -11.61 5.24 7.49
N ILE A 226 -11.07 6.27 8.14
CA ILE A 226 -11.57 6.74 9.43
C ILE A 226 -11.70 8.26 9.39
N LEU A 227 -12.77 8.77 9.99
CA LEU A 227 -12.95 10.22 10.12
C LEU A 227 -12.16 10.72 11.33
N HIS A 228 -11.23 11.64 11.09
CA HIS A 228 -10.37 12.18 12.13
C HIS A 228 -10.85 13.58 12.53
N ARG A 229 -10.93 13.82 13.83
CA ARG A 229 -11.40 15.09 14.37
C ARG A 229 -10.24 15.91 14.90
N ASP A 230 -10.40 17.24 14.84
CA ASP A 230 -9.45 18.18 15.43
C ASP A 230 -8.02 17.90 14.97
N VAL A 231 -7.85 17.85 13.66
CA VAL A 231 -6.55 17.53 13.05
C VAL A 231 -5.75 18.82 12.90
N GLN A 232 -4.49 18.78 13.32
CA GLN A 232 -3.59 19.92 13.18
C GLN A 232 -2.63 19.76 12.02
N GLU A 233 -2.31 18.54 11.61
CA GLU A 233 -1.35 18.32 10.54
C GLU A 233 -1.44 16.87 10.08
N ILE A 234 -1.24 16.68 8.78
CA ILE A 234 -1.07 15.36 8.17
C ILE A 234 0.32 15.32 7.53
N ARG A 235 1.11 14.32 7.88
CA ARG A 235 2.52 14.27 7.53
C ARG A 235 2.80 13.02 6.71
N TYR A 236 3.35 13.20 5.52
CA TYR A 236 3.67 12.10 4.62
C TYR A 236 5.17 12.05 4.37
N GLU A 237 5.71 10.83 4.31
CA GLU A 237 7.12 10.60 4.03
C GLU A 237 7.33 9.13 3.73
N VAL A 238 8.36 8.84 2.93
CA VAL A 238 8.71 7.45 2.63
C VAL A 238 9.16 6.75 3.91
N SER A 239 8.60 5.58 4.17
CA SER A 239 8.88 4.87 5.41
C SER A 239 10.28 4.26 5.37
N ALA A 240 10.88 4.15 6.55
CA ALA A 240 12.14 3.43 6.69
C ALA A 240 11.95 1.93 6.68
N LYS A 241 10.71 1.46 6.79
CA LYS A 241 10.39 0.04 6.75
C LYS A 241 10.02 -0.37 5.33
N LYS A 242 10.29 -1.64 5.01
CA LYS A 242 9.99 -2.18 3.69
C LYS A 242 9.28 -3.51 3.85
N ILE A 243 8.48 -3.87 2.86
CA ILE A 243 7.81 -5.17 2.81
C ILE A 243 8.66 -6.11 1.96
N HIS A 244 8.85 -7.33 2.46
CA HIS A 244 9.72 -8.30 1.82
C HIS A 244 8.87 -9.40 1.18
N PHE A 245 9.12 -9.65 -0.10
CA PHE A 245 8.47 -10.72 -0.84
C PHE A 245 9.45 -11.88 -1.03
N ALA A 246 8.91 -13.09 -1.07
CA ALA A 246 9.69 -14.26 -1.45
C ALA A 246 9.68 -14.41 -2.96
N ARG A 247 10.86 -14.51 -3.56
CA ARG A 247 11.02 -14.54 -5.02
C ARG A 247 11.40 -15.95 -5.44
N PHE A 248 10.58 -16.56 -6.28
CA PHE A 248 10.82 -17.91 -6.78
CA PHE A 248 10.86 -17.90 -6.78
C PHE A 248 10.98 -17.98 -8.29
N ARG A 249 10.69 -16.90 -9.02
CA ARG A 249 10.89 -16.85 -10.47
C ARG A 249 10.74 -15.39 -10.89
N SER A 250 11.19 -15.10 -12.11
CA SER A 250 11.20 -13.75 -12.64
C SER A 250 9.80 -13.39 -13.15
N PHE A 251 9.16 -12.43 -12.49
CA PHE A 251 7.91 -11.84 -12.98
C PHE A 251 8.11 -10.33 -12.95
N PRO A 252 8.67 -9.76 -14.01
CA PRO A 252 9.01 -8.33 -13.99
C PRO A 252 7.78 -7.45 -13.76
N PHE A 253 8.01 -6.34 -13.06
CA PHE A 253 6.93 -5.40 -12.77
C PHE A 253 6.28 -4.90 -14.04
N TRP A 254 7.09 -4.56 -15.05
CA TRP A 254 6.53 -4.03 -16.30
C TRP A 254 5.75 -5.09 -17.06
N ARG A 255 6.15 -6.36 -16.96
CA ARG A 255 5.32 -7.43 -17.51
C ARG A 255 4.01 -7.55 -16.73
N ARG A 256 4.09 -7.41 -15.40
CA ARG A 256 2.88 -7.41 -14.60
C ARG A 256 1.96 -6.25 -14.97
N VAL A 257 2.55 -5.09 -15.29
CA VAL A 257 1.77 -3.96 -15.76
C VAL A 257 1.14 -4.26 -17.11
N HIS A 258 1.91 -4.87 -18.02
CA HIS A 258 1.39 -5.18 -19.35
C HIS A 258 0.25 -6.19 -19.29
N ASP A 259 0.41 -7.24 -18.48
CA ASP A 259 -0.62 -8.28 -18.40
C ASP A 259 -1.92 -7.72 -17.83
N SER A 260 -1.83 -6.76 -16.92
CA SER A 260 -3.03 -6.24 -16.25
C SER A 260 -3.76 -5.20 -17.08
N PHE A 261 -3.03 -4.38 -17.85
CA PHE A 261 -3.65 -3.24 -18.52
C PHE A 261 -3.64 -3.31 -20.04
N ILE A 262 -2.74 -4.08 -20.65
CA ILE A 262 -2.69 -4.16 -22.10
C ILE A 262 -3.43 -5.41 -22.57
N GLU A 263 -2.92 -6.59 -22.21
CA GLU A 263 -3.55 -7.86 -22.50
C GLU A 263 -2.75 -8.96 -21.84
N ASP A 264 -3.36 -10.14 -21.75
CA ASP A 264 -2.68 -11.32 -21.18
C ASP A 264 -3.23 -12.59 -21.80
C1 CIT B . 11.52 -6.35 -11.87
O1 CIT B . 10.56 -5.56 -11.94
O2 CIT B . 12.10 -6.66 -12.94
C2 CIT B . 12.00 -6.90 -10.55
C3 CIT B . 10.99 -7.82 -9.87
O7 CIT B . 10.68 -8.92 -10.76
C4 CIT B . 11.56 -8.38 -8.58
C5 CIT B . 12.59 -9.43 -8.90
O3 CIT B . 13.81 -9.19 -8.78
O4 CIT B . 12.22 -10.57 -9.29
C6 CIT B . 9.70 -7.07 -9.56
O5 CIT B . 9.57 -6.47 -8.47
O6 CIT B . 8.76 -7.03 -10.39
C2 JYE C . -3.82 -2.27 -8.99
C4 JYE C . -4.87 -2.82 -6.99
C5 JYE C . -3.65 -2.75 -6.34
C6 JYE C . -2.51 -2.43 -7.07
C8 JYE C . -5.15 -3.27 -4.90
CAE JYE C . -7.84 -2.44 -7.28
CAF JYE C . -9.35 -2.68 -7.37
CAG JYE C . -7.23 -3.35 -6.20
N1 JYE C . -2.64 -2.20 -8.39
N3 JYE C . -4.92 -2.58 -8.31
N6 JYE C . -1.33 -2.36 -6.48
N7 JYE C . -3.85 -3.03 -5.05
N9 JYE C . -5.77 -3.15 -6.06
NAA JYE C . -10.22 -4.74 -10.15
NAH JYE C . -9.61 -4.08 -7.71
NAL JYE C . -9.91 -4.41 -8.93
BR8 JYE C . -6.01 -3.73 -3.28
#